data_7LUO
#
_entry.id   7LUO
#
_cell.length_a   109.738
_cell.length_b   109.738
_cell.length_c   152.030
_cell.angle_alpha   90.000
_cell.angle_beta   90.000
_cell.angle_gamma   90.000
#
_symmetry.space_group_name_H-M   'P 4 21 2'
#
loop_
_entity.id
_entity.type
_entity.pdbx_description
1 polymer 'S-phase kinase-associated protein 2,Cyclin-A2'
2 polymer 'Skp2 Motif 1 uncharacterized fragment 1'
3 polymer 'Skp2 Motif 1 uncharacterized fragment 2'
#
loop_
_entity_poly.entity_id
_entity_poly.type
_entity_poly.pdbx_seq_one_letter_code
_entity_poly.pdbx_strand_id
1 'polypeptide(L)'
;GAMGATSFTWGWDSSKTSELLSGMGVSALEKEEPDSENIPQELLSNLGHPESPPRKRLKSKGSDKDFVIVRRGSGNEVPD
YHEDIHTYLREMEVKCKPKVGYMKKQPDITNSMRAILVDWLVEVGEEYKLQNETLHLAVNYIDRFLSSMSVLRGKLQLVG
TAAMLLASKFEEIYPPEVAEFVYITDDTYTKKQVLRMEHLVLKVLTFDLAAPTVNQFLTQYFLHQQPANCKVESLAMFLG
ELSLIDADPYLKYLPSVIAGAAFHLALYTVTGQSWPESLIRKTGYTLESLKPCLMDLHQTYLKAPQHAQQSIREKYKNSK
YHGVSLLNPPETLNL
;
A,C
2 'polypeptide(L)' (UNK)(UNK)(UNK)(UNK)(UNK)(UNK)(UNK)(UNK) B
3 'polypeptide(L)' (UNK)(UNK)(UNK)(UNK)(UNK)(UNK)(UNK) D
#
# COMPACT_ATOMS: atom_id res chain seq x y z
N ASP A 66 5.96 -21.77 19.09
CA ASP A 66 4.97 -21.02 19.84
C ASP A 66 3.68 -20.89 19.05
N PHE A 67 2.54 -21.00 19.74
CA PHE A 67 1.22 -20.89 19.13
C PHE A 67 0.71 -19.46 19.27
N VAL A 68 0.31 -18.88 18.15
CA VAL A 68 -0.18 -17.50 18.11
C VAL A 68 -1.42 -17.47 17.22
N ILE A 69 -2.41 -16.68 17.62
CA ILE A 69 -3.65 -16.52 16.89
C ILE A 69 -3.60 -15.23 16.10
N VAL A 70 -3.83 -15.31 14.79
CA VAL A 70 -3.81 -14.14 13.93
C VAL A 70 -5.16 -13.43 14.02
N ARG A 71 -5.11 -12.11 14.00
CA ARG A 71 -6.32 -11.29 14.12
C ARG A 71 -6.04 -9.93 13.51
N ARG A 72 -7.01 -9.01 13.64
CA ARG A 72 -6.88 -7.67 13.08
C ARG A 72 -6.25 -6.69 14.05
N GLY A 73 -6.67 -6.69 15.31
CA GLY A 73 -6.04 -5.81 16.29
C GLY A 73 -4.61 -6.21 16.58
N SER A 74 -3.73 -5.20 16.61
CA SER A 74 -2.29 -5.47 16.71
C SER A 74 -1.61 -4.72 17.86
N GLY A 75 -2.33 -3.92 18.63
CA GLY A 75 -1.73 -3.25 19.77
C GLY A 75 -1.79 -4.09 21.03
N ASN A 76 -1.58 -5.39 20.89
CA ASN A 76 -1.71 -6.33 22.00
C ASN A 76 -0.39 -7.06 22.21
N GLU A 77 0.00 -7.19 23.48
CA GLU A 77 1.20 -7.93 23.83
C GLU A 77 0.95 -9.43 23.75
N VAL A 78 1.68 -10.11 22.88
CA VAL A 78 1.56 -11.55 22.70
C VAL A 78 2.00 -12.26 23.97
N PRO A 79 1.82 -13.57 24.08
CA PRO A 79 2.21 -14.27 25.32
C PRO A 79 3.70 -14.15 25.59
N ASP A 80 4.04 -13.71 26.80
CA ASP A 80 5.42 -13.51 27.18
C ASP A 80 5.60 -13.60 28.69
N ASP A 84 4.54 -11.95 31.78
CA ASP A 84 4.09 -10.73 32.44
C ASP A 84 3.87 -9.61 31.42
N ILE A 85 2.60 -9.28 31.18
CA ILE A 85 2.27 -8.24 30.22
C ILE A 85 2.69 -6.87 30.75
N HIS A 86 2.50 -6.63 32.04
CA HIS A 86 2.85 -5.33 32.62
C HIS A 86 4.34 -5.05 32.52
N THR A 87 5.17 -6.09 32.68
CA THR A 87 6.61 -5.90 32.57
C THR A 87 7.01 -5.52 31.14
N TYR A 88 6.32 -6.05 30.14
CA TYR A 88 6.64 -5.73 28.75
C TYR A 88 6.25 -4.29 28.43
N LEU A 89 5.09 -3.84 28.93
CA LEU A 89 4.64 -2.49 28.62
C LEU A 89 5.56 -1.44 29.22
N ARG A 90 6.09 -1.70 30.41
CA ARG A 90 7.00 -0.75 31.05
C ARG A 90 8.30 -0.60 30.27
N GLU A 91 8.78 -1.68 29.65
CA GLU A 91 10.00 -1.60 28.87
C GLU A 91 9.78 -0.89 27.54
N MET A 92 8.59 -1.00 26.96
CA MET A 92 8.30 -0.42 25.66
C MET A 92 7.83 1.03 25.73
N GLU A 93 7.25 1.46 26.85
CA GLU A 93 6.78 2.83 26.95
C GLU A 93 7.94 3.83 26.94
N VAL A 94 9.12 3.40 27.37
CA VAL A 94 10.29 4.26 27.31
C VAL A 94 10.78 4.39 25.87
N LYS A 95 10.79 3.29 25.12
CA LYS A 95 11.22 3.33 23.74
C LYS A 95 10.22 4.11 22.89
N CYS A 96 10.74 4.84 21.91
CA CYS A 96 9.92 5.65 21.00
C CYS A 96 9.08 6.66 21.79
N LYS A 97 9.70 7.27 22.79
CA LYS A 97 9.01 8.28 23.59
C LYS A 97 9.06 9.63 22.90
N PRO A 98 7.97 10.40 22.94
CA PRO A 98 7.98 11.72 22.30
C PRO A 98 8.93 12.67 23.01
N LYS A 99 9.66 13.45 22.21
CA LYS A 99 10.60 14.44 22.75
C LYS A 99 9.84 15.54 23.46
N VAL A 100 9.98 15.62 24.78
CA VAL A 100 9.29 16.65 25.54
C VAL A 100 9.83 18.02 25.16
N GLY A 101 8.93 18.98 24.99
CA GLY A 101 9.32 20.32 24.63
C GLY A 101 9.51 20.57 23.14
N TYR A 102 9.05 19.66 22.28
CA TYR A 102 9.17 19.89 20.84
C TYR A 102 8.31 21.06 20.39
N MET A 103 7.23 21.36 21.11
CA MET A 103 6.35 22.44 20.72
C MET A 103 7.04 23.80 20.80
N LYS A 104 7.94 23.97 21.77
CA LYS A 104 8.74 25.19 21.84
C LYS A 104 9.63 25.33 20.61
N LYS A 105 10.23 24.22 20.17
CA LYS A 105 11.04 24.19 18.97
C LYS A 105 10.21 24.20 17.69
N GLN A 106 8.90 23.96 17.79
CA GLN A 106 8.05 23.97 16.61
C GLN A 106 7.78 25.41 16.18
N PRO A 107 8.14 25.79 14.95
CA PRO A 107 8.02 27.21 14.58
C PRO A 107 6.60 27.67 14.35
N ASP A 108 5.75 26.86 13.72
CA ASP A 108 4.45 27.33 13.25
C ASP A 108 3.30 27.00 14.20
N ILE A 109 3.28 25.81 14.79
CA ILE A 109 2.15 25.38 15.60
C ILE A 109 2.51 25.52 17.07
N THR A 110 1.49 25.49 17.92
CA THR A 110 1.64 25.64 19.37
C THR A 110 0.84 24.54 20.06
N ASN A 111 0.87 24.56 21.40
CA ASN A 111 0.15 23.55 22.17
C ASN A 111 -1.35 23.71 22.05
N SER A 112 -1.84 24.96 21.93
CA SER A 112 -3.27 25.17 21.78
C SER A 112 -3.78 24.63 20.47
N MET A 113 -2.97 24.66 19.41
CA MET A 113 -3.37 24.07 18.14
C MET A 113 -3.39 22.54 18.22
N ARG A 114 -2.46 21.95 18.97
CA ARG A 114 -2.46 20.51 19.14
C ARG A 114 -3.66 20.05 19.95
N ALA A 115 -4.04 20.82 20.97
CA ALA A 115 -5.20 20.46 21.79
C ALA A 115 -6.47 20.43 20.97
N ILE A 116 -6.60 21.33 19.98
CA ILE A 116 -7.76 21.32 19.11
C ILE A 116 -7.73 20.11 18.18
N LEU A 117 -6.56 19.76 17.68
CA LEU A 117 -6.44 18.61 16.78
C LEU A 117 -6.77 17.32 17.51
N VAL A 118 -6.23 17.13 18.71
CA VAL A 118 -6.51 15.92 19.48
C VAL A 118 -7.99 15.87 19.84
N ASP A 119 -8.57 17.01 20.19
CA ASP A 119 -9.99 17.05 20.53
C ASP A 119 -10.87 16.72 19.32
N TRP A 120 -10.44 17.12 18.13
CA TRP A 120 -11.20 16.78 16.92
C TRP A 120 -11.11 15.28 16.60
N LEU A 121 -9.98 14.65 16.93
CA LEU A 121 -9.85 13.21 16.70
C LEU A 121 -10.77 12.42 17.62
N VAL A 122 -11.08 12.96 18.80
CA VAL A 122 -12.04 12.30 19.69
C VAL A 122 -13.41 12.24 19.03
N GLU A 123 -13.81 13.33 18.37
CA GLU A 123 -15.08 13.33 17.66
C GLU A 123 -15.07 12.37 16.47
N VAL A 124 -13.91 12.24 15.82
CA VAL A 124 -13.79 11.29 14.72
C VAL A 124 -13.94 9.86 15.23
N GLY A 125 -13.34 9.57 16.39
CA GLY A 125 -13.47 8.24 16.96
C GLY A 125 -14.91 7.92 17.35
N GLU A 126 -15.64 8.91 17.87
CA GLU A 126 -17.03 8.70 18.22
C GLU A 126 -17.93 8.59 16.99
N GLU A 127 -17.52 9.18 15.86
CA GLU A 127 -18.33 9.10 14.66
C GLU A 127 -18.27 7.70 14.02
N TYR A 128 -17.09 7.08 14.04
CA TYR A 128 -16.90 5.77 13.44
C TYR A 128 -16.88 4.65 14.47
N LYS A 129 -17.26 4.92 15.71
CA LYS A 129 -17.27 3.92 16.78
C LYS A 129 -15.91 3.23 16.91
N LEU A 130 -14.87 4.04 17.05
CA LEU A 130 -13.52 3.51 17.17
C LEU A 130 -13.16 3.30 18.64
N GLN A 131 -12.33 2.29 18.87
CA GLN A 131 -11.92 1.95 20.23
C GLN A 131 -11.05 3.05 20.82
N ASN A 132 -11.02 3.10 22.16
CA ASN A 132 -10.17 4.08 22.83
C ASN A 132 -8.70 3.82 22.55
N GLU A 133 -8.33 2.57 22.26
CA GLU A 133 -6.94 2.25 21.94
C GLU A 133 -6.51 2.93 20.65
N THR A 134 -7.42 3.03 19.66
CA THR A 134 -7.09 3.68 18.41
C THR A 134 -6.82 5.17 18.62
N LEU A 135 -7.53 5.80 19.56
CA LEU A 135 -7.33 7.23 19.81
C LEU A 135 -5.97 7.48 20.45
N HIS A 136 -5.61 6.69 21.47
CA HIS A 136 -4.33 6.89 22.14
C HIS A 136 -3.16 6.62 21.19
N LEU A 137 -3.30 5.64 20.30
CA LEU A 137 -2.23 5.37 19.34
C LEU A 137 -2.05 6.51 18.36
N ALA A 138 -3.17 7.11 17.91
CA ALA A 138 -3.07 8.23 16.97
C ALA A 138 -2.36 9.41 17.61
N VAL A 139 -2.64 9.70 18.87
CA VAL A 139 -1.97 10.79 19.56
C VAL A 139 -0.49 10.47 19.75
N ASN A 140 -0.16 9.20 20.01
CA ASN A 140 1.24 8.80 20.14
C ASN A 140 1.98 8.98 18.83
N TYR A 141 1.31 8.72 17.70
CA TYR A 141 1.96 8.91 16.41
C TYR A 141 2.18 10.38 16.09
N ILE A 142 1.27 11.25 16.54
CA ILE A 142 1.40 12.67 16.25
C ILE A 142 2.56 13.28 17.02
N ASP A 143 2.63 13.00 18.33
CA ASP A 143 3.69 13.59 19.15
C ASP A 143 5.07 13.12 18.71
N ARG A 144 5.19 11.85 18.33
CA ARG A 144 6.48 11.34 17.86
C ARG A 144 6.84 11.93 16.51
N PHE A 145 5.86 12.06 15.62
CA PHE A 145 6.12 12.66 14.31
C PHE A 145 6.50 14.13 14.44
N LEU A 146 5.74 14.89 15.22
CA LEU A 146 6.03 16.31 15.40
C LEU A 146 7.32 16.55 16.17
N SER A 147 7.79 15.56 16.94
CA SER A 147 9.02 15.75 17.69
C SER A 147 10.24 15.83 16.78
N SER A 148 10.21 15.15 15.63
CA SER A 148 11.33 15.14 14.71
C SER A 148 11.00 15.77 13.35
N MET A 149 9.80 16.32 13.17
CA MET A 149 9.41 16.92 11.91
C MET A 149 8.68 18.23 12.17
N SER A 150 8.97 19.23 11.35
CA SER A 150 8.31 20.53 11.43
C SER A 150 7.16 20.57 10.44
N VAL A 151 5.97 20.92 10.94
CA VAL A 151 4.75 20.92 10.14
C VAL A 151 4.09 22.30 10.27
N LEU A 152 3.48 22.75 9.18
CA LEU A 152 2.81 24.04 9.16
C LEU A 152 1.40 23.91 9.73
N ARG A 153 0.68 25.04 9.78
CA ARG A 153 -0.68 25.04 10.31
C ARG A 153 -1.61 24.26 9.39
N GLY A 154 -1.58 24.56 8.09
CA GLY A 154 -2.50 23.91 7.17
C GLY A 154 -2.25 22.43 7.01
N LYS A 155 -1.00 22.00 7.19
CA LYS A 155 -0.66 20.59 7.09
C LYS A 155 -0.75 19.85 8.42
N LEU A 156 -0.95 20.57 9.53
CA LEU A 156 -1.06 19.92 10.83
C LEU A 156 -2.27 19.01 10.89
N GLN A 157 -3.42 19.46 10.37
CA GLN A 157 -4.60 18.62 10.34
C GLN A 157 -4.41 17.42 9.42
N LEU A 158 -3.65 17.59 8.34
CA LEU A 158 -3.35 16.46 7.46
C LEU A 158 -2.52 15.41 8.18
N VAL A 159 -1.63 15.84 9.08
CA VAL A 159 -0.85 14.88 9.87
C VAL A 159 -1.76 14.09 10.80
N GLY A 160 -2.67 14.78 11.50
CA GLY A 160 -3.58 14.09 12.38
C GLY A 160 -4.53 13.16 11.65
N THR A 161 -4.94 13.54 10.43
CA THR A 161 -5.81 12.67 9.63
C THR A 161 -5.08 11.38 9.26
N ALA A 162 -3.83 11.49 8.82
CA ALA A 162 -3.07 10.30 8.46
C ALA A 162 -2.74 9.47 9.69
N ALA A 163 -2.45 10.13 10.82
CA ALA A 163 -2.16 9.39 12.05
C ALA A 163 -3.37 8.61 12.51
N MET A 164 -4.56 9.19 12.39
CA MET A 164 -5.78 8.46 12.74
C MET A 164 -6.03 7.31 11.78
N LEU A 165 -5.65 7.46 10.51
CA LEU A 165 -5.79 6.37 9.55
C LEU A 165 -4.81 5.23 9.86
N LEU A 166 -3.59 5.57 10.29
CA LEU A 166 -2.63 4.54 10.67
C LEU A 166 -3.10 3.77 11.89
N ALA A 167 -3.56 4.49 12.92
CA ALA A 167 -4.02 3.83 14.14
C ALA A 167 -5.25 2.97 13.87
N SER A 168 -6.10 3.39 12.93
CA SER A 168 -7.29 2.60 12.61
C SER A 168 -6.92 1.31 11.89
N LYS A 169 -6.05 1.40 10.88
CA LYS A 169 -5.60 0.22 10.15
C LYS A 169 -4.75 -0.71 11.00
N PHE A 170 -4.27 -0.25 12.16
CA PHE A 170 -3.44 -1.06 13.03
C PHE A 170 -4.22 -1.74 14.15
N GLU A 171 -5.27 -1.11 14.66
CA GLU A 171 -6.00 -1.62 15.81
C GLU A 171 -7.43 -2.05 15.48
N GLU A 172 -8.13 -1.31 14.64
CA GLU A 172 -9.54 -1.59 14.38
C GLU A 172 -9.70 -2.82 13.49
N ILE A 173 -10.83 -3.51 13.69
CA ILE A 173 -11.15 -4.67 12.87
C ILE A 173 -11.66 -4.25 11.50
N TYR A 174 -12.70 -3.40 11.48
CA TYR A 174 -13.18 -2.78 10.26
C TYR A 174 -12.84 -1.30 10.28
N PRO A 175 -11.64 -0.92 9.87
CA PRO A 175 -11.21 0.47 10.00
C PRO A 175 -11.75 1.33 8.88
N PRO A 176 -11.96 2.62 9.13
CA PRO A 176 -12.30 3.53 8.04
C PRO A 176 -11.15 3.64 7.05
N GLU A 177 -11.49 3.60 5.76
CA GLU A 177 -10.49 3.63 4.70
C GLU A 177 -10.11 5.09 4.40
N VAL A 178 -9.29 5.28 3.36
CA VAL A 178 -8.81 6.62 3.02
C VAL A 178 -9.97 7.49 2.58
N ALA A 179 -10.92 6.92 1.84
CA ALA A 179 -12.06 7.70 1.37
C ALA A 179 -12.89 8.23 2.52
N GLU A 180 -12.93 7.51 3.64
CA GLU A 180 -13.70 7.99 4.79
C GLU A 180 -13.04 9.21 5.42
N PHE A 181 -11.72 9.19 5.55
CA PHE A 181 -11.03 10.33 6.16
C PHE A 181 -11.03 11.55 5.25
N VAL A 182 -11.00 11.34 3.93
CA VAL A 182 -11.15 12.46 3.02
C VAL A 182 -12.54 13.05 3.13
N TYR A 183 -13.54 12.22 3.41
CA TYR A 183 -14.92 12.71 3.53
C TYR A 183 -15.08 13.58 4.77
N ILE A 184 -14.57 13.13 5.92
CA ILE A 184 -14.75 13.89 7.15
C ILE A 184 -13.95 15.17 7.16
N THR A 185 -12.89 15.27 6.36
CA THR A 185 -12.14 16.50 6.22
C THR A 185 -12.79 17.50 5.26
N ASP A 186 -14.06 17.27 4.91
CA ASP A 186 -14.81 18.16 4.03
C ASP A 186 -14.14 18.32 2.67
N ASP A 187 -13.46 17.26 2.20
CA ASP A 187 -12.81 17.23 0.90
C ASP A 187 -11.79 18.35 0.75
N THR A 188 -10.99 18.56 1.79
CA THR A 188 -9.91 19.54 1.73
C THR A 188 -8.58 18.93 1.34
N TYR A 189 -8.46 17.60 1.40
CA TYR A 189 -7.28 16.88 0.96
C TYR A 189 -7.68 15.89 -0.12
N THR A 190 -6.67 15.29 -0.75
CA THR A 190 -6.87 14.28 -1.77
C THR A 190 -6.50 12.91 -1.22
N LYS A 191 -6.87 11.87 -1.97
CA LYS A 191 -6.50 10.52 -1.59
C LYS A 191 -4.98 10.35 -1.56
N LYS A 192 -4.27 11.06 -2.43
CA LYS A 192 -2.80 10.98 -2.44
C LYS A 192 -2.19 11.75 -1.28
N GLN A 193 -2.77 12.89 -0.92
CA GLN A 193 -2.22 13.68 0.19
C GLN A 193 -2.30 12.91 1.50
N VAL A 194 -3.39 12.18 1.72
CA VAL A 194 -3.50 11.38 2.93
C VAL A 194 -2.55 10.19 2.88
N LEU A 195 -2.44 9.54 1.72
CA LEU A 195 -1.56 8.39 1.59
C LEU A 195 -0.09 8.79 1.68
N ARG A 196 0.26 9.95 1.10
CA ARG A 196 1.64 10.44 1.22
C ARG A 196 1.99 10.75 2.67
N MET A 197 1.11 11.47 3.36
CA MET A 197 1.34 11.76 4.77
C MET A 197 1.37 10.49 5.60
N GLU A 198 0.49 9.52 5.27
CA GLU A 198 0.50 8.25 5.98
C GLU A 198 1.84 7.53 5.77
N HIS A 199 2.32 7.50 4.54
CA HIS A 199 3.63 6.89 4.27
C HIS A 199 4.76 7.71 4.89
N LEU A 200 4.61 9.03 4.97
CA LEU A 200 5.63 9.85 5.59
C LEU A 200 5.70 9.61 7.09
N VAL A 201 4.54 9.46 7.74
CA VAL A 201 4.52 9.18 9.17
C VAL A 201 5.14 7.81 9.46
N LEU A 202 4.85 6.82 8.60
CA LEU A 202 5.42 5.49 8.79
C LEU A 202 6.94 5.53 8.73
N LYS A 203 7.50 6.26 7.76
CA LYS A 203 8.95 6.34 7.64
C LYS A 203 9.57 7.06 8.84
N VAL A 204 8.89 8.10 9.35
CA VAL A 204 9.41 8.83 10.50
C VAL A 204 9.34 7.96 11.76
N LEU A 205 8.25 7.20 11.91
CA LEU A 205 8.10 6.30 13.05
C LEU A 205 8.91 5.02 12.92
N THR A 206 9.67 4.85 11.83
CA THR A 206 10.47 3.65 11.58
C THR A 206 9.62 2.39 11.63
N PHE A 207 8.36 2.51 11.24
CA PHE A 207 7.39 1.42 11.18
C PHE A 207 7.12 0.77 12.53
N ASP A 208 7.53 1.39 13.63
CA ASP A 208 7.26 0.88 14.97
C ASP A 208 5.92 1.47 15.41
N LEU A 209 4.84 0.75 15.13
CA LEU A 209 3.49 1.21 15.44
C LEU A 209 2.99 0.73 16.79
N ALA A 210 3.59 -0.31 17.35
CA ALA A 210 3.19 -0.82 18.67
C ALA A 210 3.77 0.07 19.75
N ALA A 211 2.89 0.71 20.54
CA ALA A 211 3.31 1.61 21.59
C ALA A 211 2.36 1.48 22.77
N PRO A 212 2.88 1.36 23.99
CA PRO A 212 2.00 1.28 25.16
C PRO A 212 1.22 2.58 25.35
N THR A 213 -0.04 2.44 25.73
CA THR A 213 -0.94 3.58 25.90
C THR A 213 -1.47 3.61 27.33
N VAL A 214 -2.06 4.75 27.69
CA VAL A 214 -2.71 4.87 28.99
C VAL A 214 -3.87 3.90 29.11
N ASN A 215 -4.55 3.63 28.00
CA ASN A 215 -5.65 2.66 28.02
C ASN A 215 -5.13 1.27 28.34
N GLN A 216 -3.96 0.90 27.83
CA GLN A 216 -3.41 -0.43 28.10
C GLN A 216 -3.01 -0.60 29.55
N PHE A 217 -2.42 0.45 30.15
CA PHE A 217 -2.05 0.35 31.56
C PHE A 217 -3.27 0.35 32.47
N LEU A 218 -4.33 1.07 32.09
CA LEU A 218 -5.55 1.06 32.89
C LEU A 218 -6.21 -0.31 32.89
N THR A 219 -6.15 -1.02 31.76
CA THR A 219 -6.72 -2.36 31.70
C THR A 219 -5.99 -3.31 32.64
N GLN A 220 -4.67 -3.17 32.74
CA GLN A 220 -3.90 -4.02 33.65
C GLN A 220 -4.19 -3.67 35.10
N TYR A 221 -4.42 -2.39 35.40
CA TYR A 221 -4.69 -1.98 36.77
C TYR A 221 -6.05 -2.45 37.25
N PHE A 222 -7.02 -2.61 36.33
CA PHE A 222 -8.36 -3.02 36.72
C PHE A 222 -8.43 -4.46 37.19
N LEU A 223 -7.50 -5.30 36.75
CA LEU A 223 -7.48 -6.69 37.19
C LEU A 223 -7.11 -6.83 38.66
N HIS A 224 -6.49 -5.81 39.25
CA HIS A 224 -6.11 -5.82 40.66
C HIS A 224 -7.09 -5.05 41.54
N GLN A 225 -8.19 -4.56 40.98
CA GLN A 225 -9.20 -3.88 41.78
C GLN A 225 -9.98 -4.89 42.61
N GLN A 226 -10.11 -4.61 43.92
CA GLN A 226 -10.77 -5.51 44.85
C GLN A 226 -11.69 -4.70 45.75
N PRO A 227 -12.99 -4.60 45.43
CA PRO A 227 -13.57 -5.19 44.23
C PRO A 227 -13.55 -4.24 43.04
N ALA A 228 -14.03 -4.70 41.90
CA ALA A 228 -14.13 -3.84 40.72
C ALA A 228 -15.33 -2.90 40.86
N ASN A 229 -15.26 -1.78 40.13
CA ASN A 229 -16.31 -0.77 40.16
C ASN A 229 -16.44 -0.17 38.77
N CYS A 230 -17.67 -0.14 38.25
CA CYS A 230 -17.90 0.39 36.91
C CYS A 230 -17.68 1.90 36.88
N LYS A 231 -18.04 2.60 37.96
CA LYS A 231 -17.86 4.05 37.98
C LYS A 231 -16.39 4.43 38.09
N VAL A 232 -15.61 3.64 38.83
CA VAL A 232 -14.18 3.93 38.96
C VAL A 232 -13.46 3.69 37.65
N GLU A 233 -13.80 2.61 36.94
CA GLU A 233 -13.13 2.31 35.68
C GLU A 233 -13.47 3.33 34.61
N SER A 234 -14.73 3.77 34.56
CA SER A 234 -15.12 4.76 33.55
C SER A 234 -14.52 6.13 33.85
N LEU A 235 -14.48 6.51 35.13
CA LEU A 235 -13.87 7.79 35.48
C LEU A 235 -12.36 7.78 35.27
N ALA A 236 -11.71 6.63 35.46
CA ALA A 236 -10.28 6.54 35.19
C ALA A 236 -9.99 6.72 33.71
N MET A 237 -10.80 6.09 32.84
CA MET A 237 -10.62 6.27 31.40
C MET A 237 -10.92 7.70 30.98
N PHE A 238 -11.87 8.36 31.63
CA PHE A 238 -12.17 9.75 31.32
C PHE A 238 -10.98 10.65 31.63
N LEU A 239 -10.36 10.45 32.80
CA LEU A 239 -9.17 11.23 33.15
C LEU A 239 -8.00 10.89 32.25
N GLY A 240 -7.92 9.65 31.77
CA GLY A 240 -6.83 9.28 30.89
C GLY A 240 -6.88 9.99 29.56
N GLU A 241 -8.08 10.15 28.99
CA GLU A 241 -8.20 10.83 27.70
C GLU A 241 -7.98 12.33 27.84
N LEU A 242 -8.29 12.91 28.99
CA LEU A 242 -8.06 14.34 29.18
C LEU A 242 -6.58 14.69 29.11
N SER A 243 -5.71 13.76 29.50
CA SER A 243 -4.27 14.01 29.42
C SER A 243 -3.79 14.09 27.98
N LEU A 244 -4.50 13.46 27.04
CA LEU A 244 -4.11 13.50 25.64
C LEU A 244 -4.27 14.90 25.04
N ILE A 245 -5.26 15.66 25.51
CA ILE A 245 -5.51 16.98 24.96
C ILE A 245 -4.38 17.94 25.34
N ASP A 246 -4.13 18.11 26.63
CA ASP A 246 -3.10 19.02 27.11
C ASP A 246 -1.75 18.32 27.05
N ALA A 247 -0.87 18.79 26.16
CA ALA A 247 0.47 18.23 26.06
C ALA A 247 1.48 18.95 26.93
N ASP A 248 1.17 20.16 27.40
CA ASP A 248 2.12 20.90 28.22
C ASP A 248 2.43 20.21 29.54
N PRO A 249 1.44 19.80 30.36
CA PRO A 249 1.78 19.18 31.64
C PRO A 249 1.84 17.66 31.64
N TYR A 250 1.41 17.00 30.55
CA TYR A 250 1.26 15.55 30.55
C TYR A 250 2.22 14.83 29.62
N LEU A 251 2.89 15.54 28.71
CA LEU A 251 3.85 14.88 27.84
C LEU A 251 5.13 14.50 28.55
N LYS A 252 5.36 15.03 29.75
CA LYS A 252 6.54 14.71 30.54
C LYS A 252 6.33 13.51 31.45
N TYR A 253 5.12 12.96 31.49
CA TYR A 253 4.81 11.80 32.31
C TYR A 253 4.67 10.56 31.43
N LEU A 254 5.03 9.41 31.98
CA LEU A 254 4.90 8.14 31.27
C LEU A 254 3.44 7.69 31.28
N PRO A 255 3.03 6.89 30.28
CA PRO A 255 1.65 6.39 30.27
C PRO A 255 1.30 5.58 31.51
N SER A 256 2.25 4.83 32.07
CA SER A 256 1.96 4.08 33.29
C SER A 256 1.73 5.01 34.47
N VAL A 257 2.41 6.16 34.50
CA VAL A 257 2.22 7.10 35.61
C VAL A 257 0.91 7.84 35.46
N ILE A 258 0.54 8.22 34.23
CA ILE A 258 -0.73 8.90 34.00
C ILE A 258 -1.89 7.98 34.34
N ALA A 259 -1.81 6.70 33.92
CA ALA A 259 -2.85 5.75 34.27
C ALA A 259 -2.92 5.51 35.77
N GLY A 260 -1.77 5.57 36.46
CA GLY A 260 -1.78 5.42 37.90
C GLY A 260 -2.47 6.57 38.61
N ALA A 261 -2.18 7.81 38.18
CA ALA A 261 -2.85 8.96 38.77
C ALA A 261 -4.33 8.97 38.42
N ALA A 262 -4.68 8.56 37.20
CA ALA A 262 -6.08 8.51 36.81
C ALA A 262 -6.84 7.44 37.59
N PHE A 263 -6.19 6.31 37.87
CA PHE A 263 -6.85 5.25 38.64
C PHE A 263 -7.10 5.68 40.08
N HIS A 264 -6.11 6.32 40.70
CA HIS A 264 -6.27 6.74 42.09
C HIS A 264 -7.31 7.85 42.22
N LEU A 265 -7.24 8.85 41.33
CA LEU A 265 -8.19 9.96 41.39
C LEU A 265 -9.62 9.48 41.16
N ALA A 266 -9.79 8.53 40.24
CA ALA A 266 -11.13 7.98 40.00
C ALA A 266 -11.61 7.16 41.19
N LEU A 267 -10.73 6.35 41.77
CA LEU A 267 -11.11 5.54 42.93
C LEU A 267 -11.41 6.42 44.14
N TYR A 268 -10.62 7.49 44.33
CA TYR A 268 -10.84 8.38 45.46
C TYR A 268 -12.16 9.15 45.32
N THR A 269 -12.52 9.52 44.09
CA THR A 269 -13.74 10.29 43.88
C THR A 269 -14.99 9.46 44.14
N VAL A 270 -15.03 8.24 43.61
CA VAL A 270 -16.23 7.43 43.67
C VAL A 270 -16.40 6.80 45.05
N THR A 271 -15.35 6.15 45.56
CA THR A 271 -15.45 5.36 46.78
C THR A 271 -14.67 5.93 47.95
N GLY A 272 -13.67 6.78 47.70
CA GLY A 272 -12.84 7.30 48.75
C GLY A 272 -11.60 6.48 49.04
N GLN A 273 -11.53 5.24 48.55
CA GLN A 273 -10.34 4.43 48.73
C GLN A 273 -9.17 5.01 47.92
N SER A 274 -7.96 4.65 48.34
CA SER A 274 -6.74 5.17 47.74
C SER A 274 -6.06 4.10 46.90
N TRP A 275 -4.88 4.46 46.39
CA TRP A 275 -4.03 3.59 45.58
C TRP A 275 -3.77 2.29 46.32
N PRO A 276 -4.27 1.16 45.80
CA PRO A 276 -4.19 -0.10 46.56
C PRO A 276 -2.75 -0.63 46.63
N GLU A 277 -2.51 -1.42 47.68
CA GLU A 277 -1.19 -2.00 47.88
C GLU A 277 -0.88 -3.09 46.86
N SER A 278 -1.91 -3.75 46.32
CA SER A 278 -1.68 -4.75 45.29
C SER A 278 -1.05 -4.14 44.05
N LEU A 279 -1.39 -2.90 43.72
CA LEU A 279 -0.75 -2.21 42.61
C LEU A 279 0.61 -1.65 42.98
N ILE A 280 0.87 -1.42 44.27
CA ILE A 280 2.19 -0.97 44.70
C ILE A 280 3.22 -2.06 44.49
N ARG A 281 2.89 -3.29 44.87
CA ARG A 281 3.82 -4.40 44.72
C ARG A 281 4.00 -4.80 43.25
N LYS A 282 2.99 -4.54 42.42
CA LYS A 282 3.06 -4.91 41.01
C LYS A 282 3.76 -3.87 40.15
N THR A 283 3.46 -2.59 40.36
CA THR A 283 4.01 -1.53 39.55
C THR A 283 5.21 -0.84 40.17
N GLY A 284 5.33 -0.84 41.51
CA GLY A 284 6.35 -0.10 42.20
C GLY A 284 6.05 1.36 42.42
N TYR A 285 5.05 1.91 41.74
CA TYR A 285 4.67 3.31 41.95
C TYR A 285 3.95 3.46 43.28
N THR A 286 4.50 4.28 44.16
CA THR A 286 3.82 4.63 45.39
C THR A 286 2.98 5.89 45.17
N LEU A 287 2.21 6.26 46.20
CA LEU A 287 1.39 7.47 46.09
C LEU A 287 2.25 8.72 45.98
N GLU A 288 3.42 8.72 46.62
CA GLU A 288 4.34 9.85 46.48
C GLU A 288 4.97 9.89 45.10
N SER A 289 5.20 8.73 44.49
CA SER A 289 5.74 8.69 43.13
C SER A 289 4.76 9.29 42.13
N LEU A 290 3.47 9.04 42.32
CA LEU A 290 2.43 9.58 41.45
C LEU A 290 1.99 10.98 41.84
N LYS A 291 2.50 11.51 42.95
CA LYS A 291 2.04 12.81 43.44
C LYS A 291 2.25 13.95 42.43
N PRO A 292 3.42 14.09 41.79
CA PRO A 292 3.56 15.17 40.79
C PRO A 292 2.56 15.06 39.65
N CYS A 293 2.38 13.87 39.08
CA CYS A 293 1.39 13.70 38.03
C CYS A 293 -0.03 13.84 38.56
N LEU A 294 -0.26 13.47 39.82
CA LEU A 294 -1.59 13.58 40.39
C LEU A 294 -1.99 15.03 40.63
N MET A 295 -1.02 15.91 40.89
CA MET A 295 -1.33 17.32 41.10
C MET A 295 -1.84 17.96 39.82
N ASP A 296 -1.12 17.78 38.71
CA ASP A 296 -1.56 18.35 37.45
C ASP A 296 -2.86 17.70 36.97
N LEU A 297 -3.06 16.43 37.26
CA LEU A 297 -4.30 15.76 36.83
C LEU A 297 -5.49 16.20 37.67
N HIS A 298 -5.27 16.52 38.95
CA HIS A 298 -6.36 17.01 39.79
C HIS A 298 -6.86 18.37 39.33
N GLN A 299 -5.96 19.21 38.80
CA GLN A 299 -6.37 20.54 38.36
C GLN A 299 -7.16 20.47 37.06
N THR A 300 -6.76 19.59 36.14
CA THR A 300 -7.52 19.42 34.90
C THR A 300 -8.92 18.93 35.19
N TYR A 301 -9.07 18.04 36.18
CA TYR A 301 -10.40 17.58 36.56
C TYR A 301 -11.24 18.72 37.12
N LEU A 302 -10.62 19.59 37.93
CA LEU A 302 -11.35 20.73 38.47
C LEU A 302 -11.65 21.76 37.40
N LYS A 303 -10.71 21.98 36.48
CA LYS A 303 -10.88 22.95 35.40
C LYS A 303 -11.37 22.30 34.11
N ALA A 304 -12.01 21.12 34.20
CA ALA A 304 -12.51 20.47 33.00
C ALA A 304 -13.67 21.23 32.37
N PRO A 305 -14.70 21.68 33.11
CA PRO A 305 -15.78 22.42 32.45
C PRO A 305 -15.33 23.74 31.85
N GLN A 306 -14.27 24.34 32.39
CA GLN A 306 -13.75 25.60 31.87
C GLN A 306 -12.79 25.42 30.70
N HIS A 307 -12.32 24.20 30.44
CA HIS A 307 -11.39 23.96 29.35
C HIS A 307 -12.06 24.20 28.01
N ALA A 308 -11.27 24.64 27.04
CA ALA A 308 -11.80 24.95 25.71
C ALA A 308 -12.13 23.72 24.89
N GLN A 309 -11.59 22.55 25.26
CA GLN A 309 -11.84 21.30 24.56
C GLN A 309 -12.79 20.47 25.39
N GLN A 310 -14.03 20.31 24.92
CA GLN A 310 -15.08 19.65 25.67
C GLN A 310 -15.64 18.42 24.96
N SER A 311 -14.90 17.86 23.99
CA SER A 311 -15.38 16.69 23.29
C SER A 311 -15.28 15.42 24.12
N ILE A 312 -14.50 15.44 25.20
CA ILE A 312 -14.36 14.26 26.05
C ILE A 312 -15.39 14.28 27.18
N ARG A 313 -15.71 15.46 27.71
CA ARG A 313 -16.77 15.55 28.70
C ARG A 313 -18.13 15.18 28.11
N GLU A 314 -18.36 15.53 26.84
CA GLU A 314 -19.59 15.11 26.18
C GLU A 314 -19.57 13.63 25.84
N LYS A 315 -18.39 13.07 25.57
CA LYS A 315 -18.30 11.65 25.28
C LYS A 315 -18.60 10.80 26.51
N TYR A 316 -18.10 11.21 27.67
CA TYR A 316 -18.22 10.42 28.89
C TYR A 316 -19.43 10.80 29.75
N LYS A 317 -20.37 11.57 29.22
CA LYS A 317 -21.64 11.80 29.89
C LYS A 317 -22.74 10.86 29.41
N ASN A 318 -22.39 9.86 28.60
CA ASN A 318 -23.33 8.91 28.06
C ASN A 318 -23.54 7.75 29.05
N SER A 319 -24.61 7.00 28.82
CA SER A 319 -24.91 5.84 29.65
C SER A 319 -23.85 4.75 29.51
N LYS A 320 -23.12 4.71 28.38
CA LYS A 320 -22.09 3.71 28.19
C LYS A 320 -20.96 3.85 29.22
N TYR A 321 -20.67 5.08 29.64
CA TYR A 321 -19.66 5.34 30.65
C TYR A 321 -20.27 5.76 31.98
N HIS A 322 -21.56 5.49 32.17
CA HIS A 322 -22.27 5.75 33.42
C HIS A 322 -22.25 7.24 33.80
N GLY A 323 -22.10 8.10 32.80
CA GLY A 323 -22.09 9.53 33.03
C GLY A 323 -21.10 10.00 34.07
N VAL A 324 -19.84 9.58 33.94
CA VAL A 324 -18.83 9.94 34.94
C VAL A 324 -18.35 11.38 34.79
N SER A 325 -18.50 11.98 33.61
CA SER A 325 -18.10 13.36 33.42
C SER A 325 -19.00 14.34 34.16
N LEU A 326 -20.16 13.90 34.63
CA LEU A 326 -21.06 14.74 35.41
C LEU A 326 -20.81 14.66 36.91
N LEU A 327 -19.95 13.74 37.34
CA LEU A 327 -19.63 13.63 38.76
C LEU A 327 -18.78 14.80 39.21
N ASN A 328 -19.07 15.30 40.42
CA ASN A 328 -18.34 16.45 40.93
C ASN A 328 -16.93 16.03 41.33
N PRO A 329 -15.90 16.78 40.90
CA PRO A 329 -14.53 16.41 41.26
C PRO A 329 -14.24 16.74 42.71
N PRO A 330 -13.28 16.05 43.32
CA PRO A 330 -12.94 16.35 44.72
C PRO A 330 -12.26 17.71 44.85
N GLU A 331 -12.56 18.39 45.95
CA GLU A 331 -11.95 19.70 46.18
C GLU A 331 -10.49 19.56 46.61
N THR A 332 -10.18 18.56 47.42
CA THR A 332 -8.82 18.32 47.88
C THR A 332 -8.54 16.82 47.83
N LEU A 333 -7.33 16.47 47.41
CA LEU A 333 -6.93 15.07 47.30
C LEU A 333 -6.30 14.53 48.58
N ASN A 334 -6.12 15.37 49.59
CA ASN A 334 -5.55 14.96 50.88
C ASN A 334 -4.19 14.30 50.71
N LEU A 335 -3.35 14.91 49.87
CA LEU A 335 -2.01 14.38 49.62
C LEU A 335 -0.95 15.46 49.85
N UNK B 1 -10.24 -35.29 1.28
CA UNK B 1 -10.10 -33.90 1.67
C UNK B 1 -9.44 -33.79 3.04
N UNK B 2 -8.15 -34.11 3.10
CA UNK B 2 -7.39 -34.04 4.34
C UNK B 2 -5.96 -33.61 4.07
N UNK B 3 -5.63 -32.38 4.43
CA UNK B 3 -4.29 -31.85 4.22
C UNK B 3 -3.79 -31.04 5.41
N UNK B 4 -4.50 -31.14 6.53
CA UNK B 4 -4.15 -30.34 7.71
C UNK B 4 -4.21 -31.15 9.00
N UNK B 5 -5.01 -32.22 9.00
CA UNK B 5 -5.21 -33.00 10.22
C UNK B 5 -4.86 -34.47 10.05
N UNK B 6 -4.83 -35.18 11.17
CA UNK B 6 -4.53 -36.62 11.16
C UNK B 6 -5.48 -37.35 12.11
N UNK B 7 -5.42 -38.68 12.10
CA UNK B 7 -6.29 -39.49 12.93
C UNK B 7 -5.80 -39.57 14.38
N UNK B 8 -6.69 -39.95 15.28
CA UNK B 8 -6.36 -40.06 16.70
C UNK B 8 -6.59 -41.49 17.19
N ASP C 66 6.97 23.03 -17.57
CA ASP C 66 6.42 22.08 -18.52
C ASP C 66 5.00 21.68 -18.15
N PHE C 67 4.14 21.56 -19.16
CA PHE C 67 2.74 21.18 -18.96
C PHE C 67 2.59 19.68 -19.14
N VAL C 68 1.98 19.04 -18.15
CA VAL C 68 1.77 17.59 -18.16
C VAL C 68 0.35 17.30 -17.67
N ILE C 69 -0.31 16.34 -18.29
CA ILE C 69 -1.67 15.94 -17.95
C ILE C 69 -1.62 14.68 -17.10
N VAL C 70 -2.25 14.71 -15.94
CA VAL C 70 -2.29 13.57 -15.04
C VAL C 70 -3.36 12.60 -15.48
N ARG C 71 -3.07 11.29 -15.34
CA ARG C 71 -3.98 10.24 -15.75
C ARG C 71 -3.67 8.99 -14.93
N ARG C 72 -4.35 7.89 -15.27
CA ARG C 72 -4.14 6.61 -14.62
C ARG C 72 -3.06 5.78 -15.31
N GLY C 73 -3.09 5.70 -16.64
CA GLY C 73 -2.06 4.98 -17.36
C GLY C 73 -0.71 5.67 -17.23
N SER C 74 0.33 4.88 -16.96
CA SER C 74 1.64 5.41 -16.63
C SER C 74 2.78 4.89 -17.49
N GLY C 75 2.53 3.99 -18.43
CA GLY C 75 3.58 3.50 -19.29
C GLY C 75 3.80 4.36 -20.53
N ASN C 76 3.73 5.67 -20.37
CA ASN C 76 3.81 6.61 -21.49
C ASN C 76 4.98 7.57 -21.28
N GLU C 77 5.73 7.80 -22.36
CA GLU C 77 6.85 8.73 -22.31
C GLU C 77 6.31 10.16 -22.37
N VAL C 78 6.56 10.93 -21.31
CA VAL C 78 6.13 12.32 -21.22
C VAL C 78 6.85 13.17 -22.26
N PRO C 79 6.46 14.44 -22.43
CA PRO C 79 7.13 15.28 -23.43
C PRO C 79 8.60 15.49 -23.10
N ASP C 80 9.45 15.24 -24.09
CA ASP C 80 10.90 15.36 -23.91
C ASP C 80 11.60 15.62 -25.24
N ASP C 84 11.28 13.59 -28.63
CA ASP C 84 11.29 12.39 -29.44
C ASP C 84 11.00 11.15 -28.61
N ILE C 85 9.81 10.59 -28.78
CA ILE C 85 9.42 9.41 -28.01
C ILE C 85 10.23 8.19 -28.45
N HIS C 86 10.46 8.05 -29.75
CA HIS C 86 11.20 6.89 -30.25
C HIS C 86 12.65 6.90 -29.75
N THR C 87 13.25 8.09 -29.68
CA THR C 87 14.61 8.19 -29.17
C THR C 87 14.70 7.82 -27.69
N TYR C 88 13.67 8.15 -26.92
CA TYR C 88 13.66 7.83 -25.50
C TYR C 88 13.51 6.32 -25.28
N LEU C 89 12.62 5.68 -26.05
CA LEU C 89 12.40 4.25 -25.88
C LEU C 89 13.63 3.43 -26.22
N ARG C 90 14.37 3.84 -27.26
CA ARG C 90 15.57 3.11 -27.65
C ARG C 90 16.64 3.19 -26.57
N GLU C 91 16.74 4.31 -25.86
CA GLU C 91 17.71 4.42 -24.78
C GLU C 91 17.30 3.61 -23.55
N MET C 92 15.99 3.46 -23.32
CA MET C 92 15.50 2.76 -22.15
C MET C 92 15.36 1.26 -22.35
N GLU C 93 15.19 0.79 -23.59
CA GLU C 93 15.04 -0.65 -23.82
C GLU C 93 16.32 -1.41 -23.50
N VAL C 94 17.48 -0.74 -23.60
CA VAL C 94 18.73 -1.39 -23.25
C VAL C 94 18.87 -1.55 -21.73
N LYS C 95 18.49 -0.52 -20.99
CA LYS C 95 18.57 -0.56 -19.54
C LYS C 95 17.55 -1.53 -18.95
N CYS C 96 17.94 -2.18 -17.85
CA CYS C 96 17.10 -3.13 -17.13
C CYS C 96 16.62 -4.27 -18.03
N LYS C 97 17.53 -4.77 -18.86
CA LYS C 97 17.18 -5.89 -19.72
C LYS C 97 17.30 -7.20 -18.96
N PRO C 98 16.38 -8.14 -19.15
CA PRO C 98 16.47 -9.42 -18.44
C PRO C 98 17.67 -10.22 -18.92
N LYS C 99 18.35 -10.86 -17.96
CA LYS C 99 19.53 -11.66 -18.26
C LYS C 99 19.12 -12.89 -19.06
N VAL C 100 19.57 -12.95 -20.32
CA VAL C 100 19.27 -14.10 -21.16
C VAL C 100 19.95 -15.34 -20.61
N GLY C 101 19.24 -16.45 -20.62
CA GLY C 101 19.76 -17.70 -20.10
C GLY C 101 19.57 -17.91 -18.62
N TYR C 102 18.72 -17.12 -17.96
CA TYR C 102 18.44 -17.36 -16.55
C TYR C 102 17.69 -18.67 -16.35
N MET C 103 16.96 -19.12 -17.36
CA MET C 103 16.20 -20.36 -17.23
C MET C 103 17.11 -21.56 -17.09
N LYS C 104 18.28 -21.54 -17.73
CA LYS C 104 19.25 -22.61 -17.53
C LYS C 104 19.74 -22.65 -16.09
N LYS C 105 19.97 -21.48 -15.50
CA LYS C 105 20.37 -21.40 -14.10
C LYS C 105 19.19 -21.61 -13.15
N GLN C 106 17.96 -21.57 -13.65
CA GLN C 106 16.80 -21.79 -12.80
C GLN C 106 16.67 -23.28 -12.51
N PRO C 107 16.68 -23.70 -11.24
CA PRO C 107 16.70 -25.14 -10.96
C PRO C 107 15.37 -25.84 -11.21
N ASP C 108 14.26 -25.21 -10.86
CA ASP C 108 12.97 -25.90 -10.82
C ASP C 108 12.13 -25.70 -12.08
N ILE C 109 12.09 -24.49 -12.64
CA ILE C 109 11.21 -24.21 -13.76
C ILE C 109 12.02 -24.19 -15.06
N THR C 110 11.31 -24.29 -16.18
CA THR C 110 11.91 -24.33 -17.51
C THR C 110 11.16 -23.36 -18.41
N ASN C 111 11.60 -23.30 -19.69
CA ASN C 111 10.99 -22.40 -20.64
C ASN C 111 9.56 -22.81 -20.99
N SER C 112 9.29 -24.12 -21.03
CA SER C 112 7.93 -24.57 -21.34
C SER C 112 6.96 -24.19 -20.24
N MET C 113 7.43 -24.16 -18.98
CA MET C 113 6.58 -23.71 -17.88
C MET C 113 6.31 -22.22 -17.97
N ARG C 114 7.30 -21.44 -18.42
CA ARG C 114 7.09 -20.01 -18.61
C ARG C 114 6.10 -19.76 -19.75
N ALA C 115 6.19 -20.54 -20.83
CA ALA C 115 5.28 -20.37 -21.95
C ALA C 115 3.83 -20.61 -21.53
N ILE C 116 3.62 -21.58 -20.62
CA ILE C 116 2.27 -21.84 -20.14
C ILE C 116 1.78 -20.70 -19.25
N LEU C 117 2.67 -20.15 -18.42
CA LEU C 117 2.28 -19.06 -17.53
C LEU C 117 1.94 -17.80 -18.33
N VAL C 118 2.78 -17.45 -19.31
CA VAL C 118 2.50 -16.28 -20.14
C VAL C 118 1.21 -16.48 -20.93
N ASP C 119 0.99 -17.69 -21.44
CA ASP C 119 -0.23 -17.97 -22.19
C ASP C 119 -1.47 -17.84 -21.31
N TRP C 120 -1.35 -18.19 -20.03
CA TRP C 120 -2.47 -18.01 -19.11
C TRP C 120 -2.73 -16.54 -18.81
N LEU C 121 -1.68 -15.72 -18.82
CA LEU C 121 -1.87 -14.29 -18.61
C LEU C 121 -2.61 -13.66 -19.78
N VAL C 122 -2.50 -14.24 -20.98
CA VAL C 122 -3.27 -13.75 -22.13
C VAL C 122 -4.76 -13.95 -21.87
N GLU C 123 -5.14 -15.10 -21.32
CA GLU C 123 -6.54 -15.34 -20.99
C GLU C 123 -7.02 -14.44 -19.88
N VAL C 124 -6.15 -14.13 -18.91
CA VAL C 124 -6.52 -13.22 -17.83
C VAL C 124 -6.75 -11.81 -18.38
N GLY C 125 -5.90 -11.38 -19.31
CA GLY C 125 -6.08 -10.06 -19.91
C GLY C 125 -7.37 -9.97 -20.71
N GLU C 126 -7.71 -11.04 -21.43
CA GLU C 126 -8.96 -11.05 -22.18
C GLU C 126 -10.18 -11.21 -21.28
N GLU C 127 -10.00 -11.78 -20.09
CA GLU C 127 -11.13 -11.95 -19.18
C GLU C 127 -11.53 -10.61 -18.55
N TYR C 128 -10.54 -9.78 -18.22
CA TYR C 128 -10.78 -8.48 -17.61
C TYR C 128 -10.69 -7.34 -18.60
N LYS C 129 -10.62 -7.65 -19.90
CA LYS C 129 -10.53 -6.64 -20.96
C LYS C 129 -9.38 -5.68 -20.69
N LEU C 130 -8.20 -6.25 -20.48
CA LEU C 130 -7.00 -5.46 -20.19
C LEU C 130 -6.25 -5.16 -21.48
N GLN C 131 -5.59 -4.00 -21.51
CA GLN C 131 -4.85 -3.59 -22.68
C GLN C 131 -3.66 -4.51 -22.93
N ASN C 132 -3.20 -4.52 -24.19
CA ASN C 132 -2.04 -5.32 -24.53
C ASN C 132 -0.77 -4.81 -23.84
N GLU C 133 -0.74 -3.53 -23.50
CA GLU C 133 0.42 -2.98 -22.79
C GLU C 133 0.58 -3.59 -21.42
N THR C 134 -0.54 -3.89 -20.74
CA THR C 134 -0.47 -4.53 -19.43
C THR C 134 0.12 -5.92 -19.54
N LEU C 135 -0.15 -6.63 -20.63
CA LEU C 135 0.40 -7.97 -20.81
C LEU C 135 1.91 -7.93 -21.01
N HIS C 136 2.38 -7.03 -21.90
CA HIS C 136 3.81 -6.94 -22.16
C HIS C 136 4.57 -6.50 -20.92
N LEU C 137 3.99 -5.61 -20.12
CA LEU C 137 4.64 -5.18 -18.89
C LEU C 137 4.71 -6.32 -17.87
N ALA C 138 3.63 -7.11 -17.77
CA ALA C 138 3.63 -8.24 -16.84
C ALA C 138 4.70 -9.26 -17.21
N VAL C 139 4.84 -9.55 -18.51
CA VAL C 139 5.89 -10.47 -18.94
C VAL C 139 7.26 -9.87 -18.71
N ASN C 140 7.39 -8.55 -18.90
CA ASN C 140 8.66 -7.89 -18.63
C ASN C 140 9.03 -7.97 -17.15
N TYR C 141 8.04 -7.86 -16.27
CA TYR C 141 8.30 -7.97 -14.85
C TYR C 141 8.70 -9.38 -14.44
N ILE C 142 8.15 -10.39 -15.11
CA ILE C 142 8.45 -11.78 -14.77
C ILE C 142 9.89 -12.11 -15.15
N ASP C 143 10.28 -11.78 -16.38
CA ASP C 143 11.63 -12.12 -16.85
C ASP C 143 12.70 -11.43 -16.01
N ARG C 144 12.46 -10.18 -15.63
CA ARG C 144 13.43 -9.47 -14.80
C ARG C 144 13.48 -10.04 -13.39
N PHE C 145 12.31 -10.39 -12.83
CA PHE C 145 12.28 -10.98 -11.49
C PHE C 145 12.95 -12.35 -11.47
N LEU C 146 12.61 -13.21 -12.44
CA LEU C 146 13.18 -14.55 -12.49
C LEU C 146 14.68 -14.54 -12.79
N SER C 147 15.19 -13.45 -13.37
CA SER C 147 16.62 -13.40 -13.68
C SER C 147 17.47 -13.31 -12.42
N SER C 148 16.96 -12.70 -11.36
CA SER C 148 17.70 -12.55 -10.12
C SER C 148 17.07 -13.26 -8.93
N MET C 149 15.99 -14.03 -9.14
CA MET C 149 15.33 -14.72 -8.05
C MET C 149 14.96 -16.13 -8.49
N SER C 150 15.13 -17.09 -7.57
CA SER C 150 14.79 -18.49 -7.82
C SER C 150 13.38 -18.77 -7.31
N VAL C 151 12.54 -19.32 -8.17
CA VAL C 151 11.14 -19.59 -7.86
C VAL C 151 10.83 -21.06 -8.15
N LEU C 152 9.99 -21.66 -7.32
CA LEU C 152 9.60 -23.05 -7.49
C LEU C 152 8.45 -23.16 -8.49
N ARG C 153 8.01 -24.40 -8.74
CA ARG C 153 6.90 -24.61 -9.66
C ARG C 153 5.60 -24.05 -9.10
N GLY C 154 5.29 -24.37 -7.84
CA GLY C 154 4.04 -23.93 -7.25
C GLY C 154 3.95 -22.44 -7.07
N LYS C 155 5.10 -21.78 -6.88
CA LYS C 155 5.13 -20.33 -6.72
C LYS C 155 5.30 -19.58 -8.04
N LEU C 156 5.53 -20.28 -9.14
CA LEU C 156 5.70 -19.61 -10.43
C LEU C 156 4.43 -18.87 -10.84
N GLN C 157 3.26 -19.50 -10.66
CA GLN C 157 2.00 -18.83 -10.99
C GLN C 157 1.74 -17.66 -10.05
N LEU C 158 2.17 -17.77 -8.79
CA LEU C 158 2.03 -16.65 -7.87
C LEU C 158 2.85 -15.45 -8.31
N VAL C 159 4.03 -15.69 -8.90
CA VAL C 159 4.83 -14.58 -9.42
C VAL C 159 4.12 -13.92 -10.59
N GLY C 160 3.59 -14.72 -11.51
CA GLY C 160 2.86 -14.16 -12.64
C GLY C 160 1.59 -13.43 -12.22
N THR C 161 0.93 -13.91 -11.17
CA THR C 161 -0.25 -13.22 -10.66
C THR C 161 0.12 -11.85 -10.10
N ALA C 162 1.20 -11.77 -9.32
CA ALA C 162 1.62 -10.49 -8.77
C ALA C 162 2.14 -9.56 -9.86
N ALA C 163 2.85 -10.12 -10.85
CA ALA C 163 3.34 -9.30 -11.96
C ALA C 163 2.18 -8.73 -12.77
N MET C 164 1.13 -9.53 -12.99
CA MET C 164 -0.05 -9.03 -13.67
C MET C 164 -0.78 -7.99 -12.84
N LEU C 165 -0.78 -8.16 -11.51
CA LEU C 165 -1.40 -7.17 -10.63
C LEU C 165 -0.62 -5.87 -10.64
N LEU C 166 0.72 -5.96 -10.68
CA LEU C 166 1.53 -4.75 -10.75
C LEU C 166 1.33 -4.03 -12.07
N ALA C 167 1.36 -4.77 -13.18
CA ALA C 167 1.17 -4.16 -14.49
C ALA C 167 -0.23 -3.57 -14.64
N SER C 168 -1.24 -4.18 -14.01
CA SER C 168 -2.59 -3.65 -14.09
C SER C 168 -2.73 -2.36 -13.29
N LYS C 169 -2.23 -2.36 -12.05
CA LYS C 169 -2.28 -1.16 -11.21
C LYS C 169 -1.40 -0.04 -11.75
N PHE C 170 -0.49 -0.34 -12.67
CA PHE C 170 0.40 0.66 -13.24
C PHE C 170 -0.10 1.22 -14.56
N GLU C 171 -0.79 0.42 -15.37
CA GLU C 171 -1.20 0.82 -16.71
C GLU C 171 -2.70 0.97 -16.87
N GLU C 172 -3.50 0.11 -16.24
CA GLU C 172 -4.94 0.13 -16.45
C GLU C 172 -5.59 1.31 -15.72
N ILE C 173 -6.69 1.79 -16.28
CA ILE C 173 -7.43 2.89 -15.65
C ILE C 173 -8.26 2.36 -14.48
N TYR C 174 -9.09 1.35 -14.74
CA TYR C 174 -9.83 0.65 -13.69
C TYR C 174 -9.24 -0.76 -13.56
N PRO C 175 -8.17 -0.94 -12.80
CA PRO C 175 -7.48 -2.23 -12.78
C PRO C 175 -8.17 -3.22 -11.86
N PRO C 176 -8.06 -4.51 -12.14
CA PRO C 176 -8.55 -5.51 -11.18
C PRO C 176 -7.75 -5.46 -9.89
N GLU C 177 -8.45 -5.53 -8.76
CA GLU C 177 -7.81 -5.44 -7.46
C GLU C 177 -7.30 -6.82 -7.05
N VAL C 178 -6.81 -6.93 -5.81
CA VAL C 178 -6.24 -8.19 -5.33
C VAL C 178 -7.31 -9.26 -5.26
N ALA C 179 -8.52 -8.89 -4.85
CA ALA C 179 -9.61 -9.87 -4.72
C ALA C 179 -9.94 -10.51 -6.07
N GLU C 180 -9.78 -9.76 -7.17
CA GLU C 180 -10.08 -10.32 -8.49
C GLU C 180 -9.05 -11.37 -8.89
N PHE C 181 -7.76 -11.11 -8.64
CA PHE C 181 -6.72 -12.07 -9.02
C PHE C 181 -6.75 -13.32 -8.13
N VAL C 182 -7.12 -13.18 -6.86
CA VAL C 182 -7.28 -14.35 -6.01
C VAL C 182 -8.45 -15.20 -6.49
N TYR C 183 -9.48 -14.57 -7.04
CA TYR C 183 -10.65 -15.32 -7.50
C TYR C 183 -10.31 -16.18 -8.71
N ILE C 184 -9.60 -15.61 -9.69
CA ILE C 184 -9.30 -16.36 -10.91
C ILE C 184 -8.31 -17.48 -10.64
N THR C 185 -7.52 -17.39 -9.57
CA THR C 185 -6.63 -18.47 -9.17
C THR C 185 -7.34 -19.56 -8.38
N ASP C 186 -8.67 -19.58 -8.40
CA ASP C 186 -9.48 -20.60 -7.72
C ASP C 186 -9.20 -20.63 -6.23
N ASP C 187 -8.90 -19.47 -5.64
CA ASP C 187 -8.66 -19.34 -4.20
C ASP C 187 -7.53 -20.25 -3.74
N THR C 188 -6.44 -20.28 -4.50
CA THR C 188 -5.26 -21.03 -4.12
C THR C 188 -4.23 -20.18 -3.38
N TYR C 189 -4.35 -18.86 -3.44
CA TYR C 189 -3.50 -17.95 -2.69
C TYR C 189 -4.38 -17.08 -1.80
N THR C 190 -3.72 -16.35 -0.90
CA THR C 190 -4.39 -15.41 -0.01
C THR C 190 -4.10 -13.98 -0.44
N LYS C 191 -4.86 -13.05 0.13
CA LYS C 191 -4.61 -11.64 -0.14
C LYS C 191 -3.22 -11.22 0.33
N LYS C 192 -2.73 -11.82 1.41
CA LYS C 192 -1.39 -11.48 1.90
C LYS C 192 -0.30 -12.13 1.05
N GLN C 193 -0.53 -13.35 0.57
CA GLN C 193 0.48 -14.01 -0.27
C GLN C 193 0.70 -13.24 -1.56
N VAL C 194 -0.37 -12.71 -2.15
CA VAL C 194 -0.23 -11.93 -3.38
C VAL C 194 0.42 -10.57 -3.08
N LEU C 195 0.05 -9.95 -1.96
CA LEU C 195 0.62 -8.65 -1.62
C LEU C 195 2.09 -8.76 -1.25
N ARG C 196 2.47 -9.84 -0.56
CA ARG C 196 3.88 -10.06 -0.26
C ARG C 196 4.68 -10.28 -1.53
N MET C 197 4.18 -11.13 -2.43
CA MET C 197 4.85 -11.34 -3.70
C MET C 197 4.88 -10.07 -4.53
N GLU C 198 3.78 -9.29 -4.50
CA GLU C 198 3.75 -8.03 -5.21
C GLU C 198 4.83 -7.07 -4.69
N HIS C 199 4.95 -6.97 -3.36
CA HIS C 199 6.00 -6.15 -2.77
C HIS C 199 7.38 -6.75 -3.04
N LEU C 200 7.47 -8.08 -3.10
CA LEU C 200 8.75 -8.72 -3.39
C LEU C 200 9.20 -8.43 -4.81
N VAL C 201 8.27 -8.45 -5.77
CA VAL C 201 8.63 -8.13 -7.15
C VAL C 201 9.05 -6.67 -7.27
N LEU C 202 8.37 -5.77 -6.55
CA LEU C 202 8.73 -4.36 -6.59
C LEU C 202 10.15 -4.13 -6.10
N LYS C 203 10.52 -4.77 -4.99
CA LYS C 203 11.87 -4.59 -4.46
C LYS C 203 12.92 -5.14 -5.41
N VAL C 204 12.63 -6.26 -6.06
CA VAL C 204 13.58 -6.83 -7.02
C VAL C 204 13.70 -5.95 -8.25
N LEU C 205 12.58 -5.40 -8.72
CA LEU C 205 12.59 -4.50 -9.86
C LEU C 205 13.05 -3.09 -9.52
N THR C 206 13.41 -2.84 -8.26
CA THR C 206 13.85 -1.52 -7.79
C THR C 206 12.82 -0.44 -8.13
N PHE C 207 11.55 -0.82 -8.14
CA PHE C 207 10.40 0.05 -8.39
C PHE C 207 10.42 0.69 -9.77
N ASP C 208 11.25 0.17 -10.68
CA ASP C 208 11.29 0.67 -12.06
C ASP C 208 10.26 -0.12 -12.87
N LEU C 209 9.04 0.40 -12.93
CA LEU C 209 7.95 -0.28 -13.62
C LEU C 209 7.80 0.17 -15.07
N ALA C 210 8.34 1.33 -15.44
CA ALA C 210 8.27 1.80 -16.82
C ALA C 210 9.33 1.08 -17.65
N ALA C 211 8.88 0.33 -18.67
CA ALA C 211 9.79 -0.42 -19.52
C ALA C 211 9.26 -0.42 -20.94
N PRO C 212 10.10 -0.16 -21.93
CA PRO C 212 9.63 -0.20 -23.33
C PRO C 212 9.20 -1.60 -23.72
N THR C 213 8.10 -1.68 -24.46
CA THR C 213 7.52 -2.93 -24.89
C THR C 213 7.42 -3.00 -26.40
N VAL C 214 7.18 -4.21 -26.92
CA VAL C 214 6.94 -4.38 -28.34
C VAL C 214 5.69 -3.64 -28.78
N ASN C 215 4.69 -3.58 -27.90
CA ASN C 215 3.47 -2.85 -28.21
C ASN C 215 3.75 -1.36 -28.40
N GLN C 216 4.63 -0.79 -27.59
CA GLN C 216 4.94 0.63 -27.70
C GLN C 216 5.68 0.94 -28.99
N PHE C 217 6.63 0.08 -29.39
CA PHE C 217 7.36 0.32 -30.62
C PHE C 217 6.49 0.12 -31.85
N LEU C 218 5.55 -0.83 -31.80
CA LEU C 218 4.65 -1.03 -32.93
C LEU C 218 3.73 0.17 -33.13
N THR C 219 3.31 0.80 -32.04
CA THR C 219 2.46 1.98 -32.15
C THR C 219 3.19 3.12 -32.85
N GLN C 220 4.48 3.29 -32.55
CA GLN C 220 5.26 4.33 -33.20
C GLN C 220 5.51 4.02 -34.66
N TYR C 221 5.66 2.74 -35.02
CA TYR C 221 5.90 2.38 -36.40
C TYR C 221 4.66 2.60 -37.27
N PHE C 222 3.47 2.51 -36.68
CA PHE C 222 2.24 2.66 -37.45
C PHE C 222 2.01 4.09 -37.93
N LEU C 223 2.59 5.08 -37.23
CA LEU C 223 2.44 6.47 -37.66
C LEU C 223 3.20 6.75 -38.95
N HIS C 224 4.16 5.91 -39.32
CA HIS C 224 4.92 6.07 -40.55
C HIS C 224 4.42 5.18 -41.67
N GLN C 225 3.32 4.46 -41.46
CA GLN C 225 2.75 3.64 -42.52
C GLN C 225 2.06 4.53 -43.54
N GLN C 226 2.35 4.30 -44.83
CA GLN C 226 1.82 5.11 -45.92
C GLN C 226 1.37 4.19 -47.04
N PRO C 227 0.07 3.84 -47.09
CA PRO C 227 -0.93 4.27 -46.11
C PRO C 227 -1.06 3.27 -44.96
N ALA C 228 -1.93 3.58 -44.00
CA ALA C 228 -2.18 2.67 -42.90
C ALA C 228 -3.09 1.53 -43.37
N ASN C 229 -3.01 0.41 -42.65
CA ASN C 229 -3.81 -0.77 -42.97
C ASN C 229 -4.21 -1.46 -41.67
N CYS C 230 -5.51 -1.74 -41.53
CA CYS C 230 -6.00 -2.37 -40.32
C CYS C 230 -5.52 -3.82 -40.20
N LYS C 231 -5.41 -4.51 -41.33
CA LYS C 231 -4.95 -5.90 -41.28
C LYS C 231 -3.47 -5.98 -40.97
N VAL C 232 -2.68 -5.03 -41.46
CA VAL C 232 -1.24 -5.02 -41.17
C VAL C 232 -1.00 -4.70 -39.70
N GLU C 233 -1.74 -3.74 -39.15
CA GLU C 233 -1.53 -3.37 -37.75
C GLU C 233 -1.97 -4.49 -36.81
N SER C 234 -3.08 -5.16 -37.13
CA SER C 234 -3.54 -6.24 -36.26
C SER C 234 -2.64 -7.46 -36.38
N LEU C 235 -2.16 -7.78 -37.58
CA LEU C 235 -1.25 -8.90 -37.75
C LEU C 235 0.10 -8.63 -37.11
N ALA C 236 0.55 -7.36 -37.12
CA ALA C 236 1.80 -7.02 -36.44
C ALA C 236 1.68 -7.23 -34.93
N MET C 237 0.56 -6.80 -34.35
CA MET C 237 0.34 -7.03 -32.92
C MET C 237 0.21 -8.51 -32.60
N PHE C 238 -0.36 -9.29 -33.52
CA PHE C 238 -0.46 -10.73 -33.32
C PHE C 238 0.93 -11.37 -33.25
N LEU C 239 1.82 -10.99 -34.16
CA LEU C 239 3.18 -11.51 -34.13
C LEU C 239 3.95 -11.01 -32.92
N GLY C 240 3.63 -9.80 -32.44
CA GLY C 240 4.31 -9.27 -31.27
C GLY C 240 4.02 -10.04 -30.01
N GLU C 241 2.76 -10.44 -29.81
CA GLU C 241 2.41 -11.18 -28.60
C GLU C 241 2.94 -12.61 -28.64
N LEU C 242 3.09 -13.19 -29.84
CA LEU C 242 3.62 -14.53 -29.94
C LEU C 242 5.06 -14.61 -29.42
N SER C 243 5.81 -13.52 -29.53
CA SER C 243 7.17 -13.48 -29.01
C SER C 243 7.20 -13.57 -27.50
N LEU C 244 6.13 -13.18 -26.81
CA LEU C 244 6.09 -13.25 -25.36
C LEU C 244 6.04 -14.70 -24.88
N ILE C 245 5.41 -15.59 -25.64
CA ILE C 245 5.29 -16.98 -25.23
C ILE C 245 6.64 -17.69 -25.28
N ASP C 246 7.27 -17.71 -26.45
CA ASP C 246 8.54 -18.39 -26.64
C ASP C 246 9.67 -17.48 -26.16
N ALA C 247 10.32 -17.88 -25.06
CA ALA C 247 11.45 -17.12 -24.53
C ALA C 247 12.78 -17.60 -25.08
N ASP C 248 12.84 -18.81 -25.65
CA ASP C 248 14.11 -19.33 -26.15
C ASP C 248 14.68 -18.51 -27.30
N PRO C 249 13.93 -18.20 -28.36
CA PRO C 249 14.51 -17.44 -29.47
C PRO C 249 14.31 -15.94 -29.41
N TYR C 250 13.47 -15.44 -28.50
CA TYR C 250 13.08 -14.04 -28.51
C TYR C 250 13.60 -13.23 -27.33
N LEU C 251 14.11 -13.89 -26.29
CA LEU C 251 14.66 -13.14 -25.16
C LEU C 251 15.98 -12.47 -25.50
N LYS C 252 16.63 -12.87 -26.60
CA LYS C 252 17.88 -12.28 -27.04
C LYS C 252 17.68 -11.09 -27.97
N TYR C 253 16.44 -10.77 -28.35
CA TYR C 253 16.15 -9.65 -29.23
C TYR C 253 15.56 -8.49 -28.43
N LEU C 254 15.84 -7.27 -28.90
CA LEU C 254 15.30 -6.07 -28.30
C LEU C 254 13.84 -5.89 -28.71
N PRO C 255 13.04 -5.22 -27.88
CA PRO C 255 11.64 -4.96 -28.26
C PRO C 255 11.50 -4.18 -29.55
N SER C 256 12.41 -3.25 -29.83
CA SER C 256 12.37 -2.51 -31.08
C SER C 256 12.67 -3.40 -32.28
N VAL C 257 13.52 -4.40 -32.10
CA VAL C 257 13.85 -5.31 -33.19
C VAL C 257 12.71 -6.28 -33.44
N ILE C 258 12.07 -6.78 -32.38
CA ILE C 258 10.92 -7.67 -32.54
C ILE C 258 9.77 -6.96 -33.23
N ALA C 259 9.50 -5.71 -32.81
CA ALA C 259 8.44 -4.94 -33.45
C ALA C 259 8.77 -4.63 -34.91
N GLY C 260 10.06 -4.46 -35.23
CA GLY C 260 10.43 -4.24 -36.61
C GLY C 260 10.18 -5.44 -37.50
N ALA C 261 10.53 -6.63 -37.01
CA ALA C 261 10.26 -7.84 -37.78
C ALA C 261 8.76 -8.11 -37.88
N ALA C 262 8.02 -7.82 -36.81
CA ALA C 262 6.58 -8.04 -36.83
C ALA C 262 5.89 -7.09 -37.81
N PHE C 263 6.39 -5.86 -37.92
CA PHE C 263 5.79 -4.91 -38.86
C PHE C 263 6.05 -5.33 -40.30
N HIS C 264 7.27 -5.77 -40.60
CA HIS C 264 7.60 -6.17 -41.97
C HIS C 264 6.85 -7.45 -42.36
N LEU C 265 6.85 -8.44 -41.46
CA LEU C 265 6.19 -9.70 -41.76
C LEU C 265 4.69 -9.51 -41.95
N ALA C 266 4.08 -8.64 -41.15
CA ALA C 266 2.65 -8.35 -41.33
C ALA C 266 2.40 -7.59 -42.62
N LEU C 267 3.25 -6.60 -42.92
CA LEU C 267 3.09 -5.85 -44.16
C LEU C 267 3.34 -6.73 -45.38
N TYR C 268 4.31 -7.63 -45.30
CA TYR C 268 4.61 -8.51 -46.42
C TYR C 268 3.48 -9.51 -46.65
N THR C 269 2.84 -9.97 -45.58
CA THR C 269 1.77 -10.95 -45.71
C THR C 269 0.53 -10.32 -46.34
N VAL C 270 0.12 -9.15 -45.87
CA VAL C 270 -1.13 -8.56 -46.32
C VAL C 270 -0.96 -7.91 -47.69
N THR C 271 0.06 -7.07 -47.85
CA THR C 271 0.21 -6.27 -49.07
C THR C 271 1.39 -6.66 -49.94
N GLY C 272 2.39 -7.34 -49.39
CA GLY C 272 3.59 -7.66 -50.13
C GLY C 272 4.68 -6.61 -50.05
N GLN C 273 4.37 -5.41 -49.58
CA GLN C 273 5.37 -4.38 -49.43
C GLN C 273 6.35 -4.74 -48.31
N SER C 274 7.53 -4.13 -48.37
CA SER C 274 8.61 -4.42 -47.44
C SER C 274 8.78 -3.28 -46.44
N TRP C 275 9.79 -3.40 -45.60
CA TRP C 275 10.16 -2.43 -44.58
C TRP C 275 10.32 -1.05 -45.23
N PRO C 276 9.45 -0.10 -44.90
CA PRO C 276 9.45 1.19 -45.61
C PRO C 276 10.68 2.03 -45.27
N GLU C 277 11.01 2.93 -46.20
CA GLU C 277 12.18 3.78 -46.01
C GLU C 277 11.95 4.83 -44.92
N SER C 278 10.69 5.22 -44.69
CA SER C 278 10.40 6.16 -43.61
C SER C 278 10.79 5.59 -42.26
N LEU C 279 10.64 4.27 -42.08
CA LEU C 279 11.07 3.62 -40.85
C LEU C 279 12.58 3.36 -40.83
N ILE C 280 13.22 3.29 -41.99
CA ILE C 280 14.68 3.13 -42.03
C ILE C 280 15.36 4.38 -41.49
N ARG C 281 14.90 5.56 -41.91
CA ARG C 281 15.50 6.81 -41.44
C ARG C 281 15.16 7.11 -39.99
N LYS C 282 14.04 6.57 -39.49
CA LYS C 282 13.64 6.85 -38.12
C LYS C 282 14.32 5.92 -37.12
N THR C 283 14.40 4.63 -37.44
CA THR C 283 14.96 3.65 -36.53
C THR C 283 16.41 3.30 -36.81
N GLY C 284 16.87 3.45 -38.06
CA GLY C 284 18.18 3.01 -38.45
C GLY C 284 18.27 1.54 -38.79
N TYR C 285 17.26 0.75 -38.43
CA TYR C 285 17.24 -0.68 -38.76
C TYR C 285 16.96 -0.86 -40.24
N THR C 286 17.87 -1.54 -40.93
CA THR C 286 17.62 -1.93 -42.32
C THR C 286 16.95 -3.30 -42.33
N LEU C 287 16.55 -3.73 -43.53
CA LEU C 287 15.91 -5.04 -43.65
C LEU C 287 16.85 -6.17 -43.28
N GLU C 288 18.15 -6.00 -43.57
CA GLU C 288 19.12 -7.00 -43.15
C GLU C 288 19.36 -6.96 -41.64
N SER C 289 19.22 -5.79 -41.03
CA SER C 289 19.38 -5.70 -39.58
C SER C 289 18.29 -6.47 -38.85
N LEU C 290 17.07 -6.44 -39.38
CA LEU C 290 15.95 -7.17 -38.80
C LEU C 290 15.87 -8.61 -39.28
N LYS C 291 16.72 -9.01 -40.23
CA LYS C 291 16.64 -10.34 -40.80
C LYS C 291 16.82 -11.46 -39.77
N PRO C 292 17.79 -11.41 -38.85
CA PRO C 292 17.89 -12.49 -37.84
C PRO C 292 16.62 -12.66 -37.03
N CYS C 293 16.05 -11.56 -36.52
CA CYS C 293 14.78 -11.66 -35.80
C CYS C 293 13.65 -12.07 -36.73
N LEU C 294 13.73 -11.69 -38.00
CA LEU C 294 12.68 -12.05 -38.96
C LEU C 294 12.70 -13.54 -39.29
N MET C 295 13.88 -14.18 -39.21
CA MET C 295 13.96 -15.61 -39.49
C MET C 295 13.22 -16.41 -38.41
N ASP C 296 13.53 -16.15 -37.14
CA ASP C 296 12.86 -16.86 -36.06
C ASP C 296 11.38 -16.51 -35.99
N LEU C 297 11.01 -15.27 -36.33
CA LEU C 297 9.60 -14.88 -36.29
C LEU C 297 8.82 -15.52 -37.42
N HIS C 298 9.46 -15.74 -38.58
CA HIS C 298 8.79 -16.40 -39.68
C HIS C 298 8.45 -17.85 -39.35
N GLN C 299 9.29 -18.51 -38.55
CA GLN C 299 9.03 -19.91 -38.19
C GLN C 299 7.89 -20.02 -37.19
N THR C 300 7.82 -19.10 -36.22
CA THR C 300 6.72 -19.11 -35.28
C THR C 300 5.39 -18.86 -35.99
N TYR C 301 5.40 -17.99 -36.99
CA TYR C 301 4.19 -17.74 -37.77
C TYR C 301 3.77 -18.99 -38.54
N LEU C 302 4.73 -19.71 -39.12
CA LEU C 302 4.41 -20.93 -39.86
C LEU C 302 3.99 -22.05 -38.93
N LYS C 303 4.64 -22.17 -37.77
CA LYS C 303 4.34 -23.23 -36.82
C LYS C 303 3.41 -22.76 -35.70
N ALA C 304 2.63 -21.70 -35.95
CA ALA C 304 1.71 -21.22 -34.92
C ALA C 304 0.57 -22.20 -34.65
N PRO C 305 -0.12 -22.77 -35.65
CA PRO C 305 -1.22 -23.70 -35.33
C PRO C 305 -0.76 -24.95 -34.60
N GLN C 306 0.50 -25.37 -34.78
CA GLN C 306 1.01 -26.56 -34.12
C GLN C 306 1.52 -26.29 -32.72
N HIS C 307 1.67 -25.03 -32.33
CA HIS C 307 2.19 -24.70 -31.01
C HIS C 307 1.20 -25.12 -29.92
N ALA C 308 1.74 -25.46 -28.76
CA ALA C 308 0.92 -25.92 -27.65
C ALA C 308 0.16 -24.80 -26.96
N GLN C 309 0.59 -23.55 -27.14
CA GLN C 309 -0.06 -22.39 -26.55
C GLN C 309 -0.84 -21.68 -27.65
N GLN C 310 -2.17 -21.75 -27.58
CA GLN C 310 -3.04 -21.23 -28.63
C GLN C 310 -3.97 -20.12 -28.13
N SER C 311 -3.66 -19.51 -26.99
CA SER C 311 -4.53 -18.46 -26.46
C SER C 311 -4.40 -17.16 -27.23
N ILE C 312 -3.33 -16.98 -28.00
CA ILE C 312 -3.16 -15.75 -28.77
C ILE C 312 -3.77 -15.90 -30.17
N ARG C 313 -3.68 -17.10 -30.76
CA ARG C 313 -4.35 -17.33 -32.05
C ARG C 313 -5.86 -17.25 -31.90
N GLU C 314 -6.40 -17.70 -30.76
CA GLU C 314 -7.82 -17.56 -30.52
C GLU C 314 -8.18 -16.11 -30.19
N LYS C 315 -7.26 -15.38 -29.55
CA LYS C 315 -7.52 -13.98 -29.24
C LYS C 315 -7.58 -13.13 -30.49
N TYR C 316 -6.70 -13.38 -31.46
CA TYR C 316 -6.60 -12.58 -32.67
C TYR C 316 -7.43 -13.14 -33.82
N LYS C 317 -8.32 -14.09 -33.55
CA LYS C 317 -9.30 -14.54 -34.52
C LYS C 317 -10.63 -13.84 -34.37
N ASN C 318 -10.70 -12.83 -33.50
CA ASN C 318 -11.93 -12.09 -33.24
C ASN C 318 -12.08 -10.95 -34.24
N SER C 319 -13.30 -10.40 -34.31
CA SER C 319 -13.56 -9.28 -35.20
C SER C 319 -12.78 -8.04 -34.77
N LYS C 320 -12.42 -7.93 -33.50
CA LYS C 320 -11.67 -6.78 -33.03
C LYS C 320 -10.30 -6.69 -33.68
N TYR C 321 -9.68 -7.83 -33.99
CA TYR C 321 -8.39 -7.87 -34.65
C TYR C 321 -8.50 -8.31 -36.11
N HIS C 322 -9.70 -8.26 -36.67
CA HIS C 322 -9.96 -8.59 -38.07
C HIS C 322 -9.55 -10.01 -38.44
N GLY C 323 -9.51 -10.91 -37.46
CA GLY C 323 -9.16 -12.30 -37.67
C GLY C 323 -7.84 -12.50 -38.40
N VAL C 324 -6.78 -11.87 -37.91
CA VAL C 324 -5.48 -11.98 -38.57
C VAL C 324 -4.80 -13.32 -38.29
N SER C 325 -5.16 -13.99 -37.20
CA SER C 325 -4.58 -15.31 -36.91
C SER C 325 -5.05 -16.38 -37.88
N LEU C 326 -6.10 -16.12 -38.66
CA LEU C 326 -6.57 -17.05 -39.66
C LEU C 326 -5.94 -16.84 -41.03
N LEU C 327 -5.17 -15.76 -41.22
CA LEU C 327 -4.50 -15.53 -42.48
C LEU C 327 -3.36 -16.51 -42.68
N ASN C 328 -3.21 -16.99 -43.90
CA ASN C 328 -2.17 -17.96 -44.19
C ASN C 328 -0.81 -17.27 -44.19
N PRO C 329 0.18 -17.80 -43.49
CA PRO C 329 1.50 -17.16 -43.45
C PRO C 329 2.25 -17.37 -44.75
N PRO C 330 3.19 -16.48 -45.08
CA PRO C 330 3.95 -16.66 -46.32
C PRO C 330 4.88 -17.87 -46.24
N GLU C 331 5.02 -18.55 -47.37
CA GLU C 331 5.90 -19.72 -47.41
C GLU C 331 7.36 -19.31 -47.42
N THR C 332 7.71 -18.27 -48.16
CA THR C 332 9.08 -17.78 -48.24
C THR C 332 9.06 -16.25 -48.21
N LEU C 333 10.01 -15.67 -47.47
CA LEU C 333 10.11 -14.23 -47.34
C LEU C 333 11.02 -13.60 -48.39
N ASN C 334 11.66 -14.41 -49.24
CA ASN C 334 12.54 -13.91 -50.29
C ASN C 334 13.64 -13.01 -49.73
N LEU C 335 14.23 -13.44 -48.62
CA LEU C 335 15.29 -12.67 -47.97
C LEU C 335 16.52 -13.53 -47.75
N UNK D 1 -12.53 32.07 -5.64
CA UNK D 1 -11.53 32.11 -6.70
C UNK D 1 -10.13 32.01 -6.13
N UNK D 2 -9.48 30.87 -6.32
CA UNK D 2 -8.13 30.65 -5.82
C UNK D 2 -7.24 29.97 -6.86
N UNK D 3 -7.70 29.95 -8.11
CA UNK D 3 -6.97 29.27 -9.17
C UNK D 3 -6.85 30.11 -10.43
N UNK D 4 -7.84 30.97 -10.68
CA UNK D 4 -7.88 31.74 -11.91
C UNK D 4 -8.08 33.24 -11.66
N UNK D 5 -7.84 34.03 -12.70
CA UNK D 5 -8.01 35.48 -12.63
C UNK D 5 -8.60 36.00 -13.94
N UNK D 6 -8.99 37.27 -13.95
CA UNK D 6 -9.60 37.88 -15.13
C UNK D 6 -8.54 38.24 -16.17
N UNK D 7 -8.97 38.38 -17.41
CA UNK D 7 -8.06 38.74 -18.50
C UNK D 7 -8.48 40.07 -19.14
#